data_7CUS
#
_entry.id   7CUS
#
_cell.length_a   29.686
_cell.length_b   69.875
_cell.length_c   106.498
_cell.angle_alpha   90.000
_cell.angle_beta   90.000
_cell.angle_gamma   90.000
#
_symmetry.space_group_name_H-M   'P 21 21 21'
#
loop_
_entity.id
_entity.type
_entity.pdbx_description
1 polymer 'DUF3404 domain-containing protein'
2 water water
#
_entity_poly.entity_id   1
_entity_poly.type   'polypeptide(L)'
_entity_poly.pdbx_seq_one_letter_code
;GSAKDPSLPERIDTFTELFNYEVALKSYDIRILQSNYPTKLLSPDSLLPQTSDYPLKDIQQLYSLANTCRGKLPLSPLIT
EPLVFTRAICKGTQLTPRWFSRSGLIHPGGGTYAARYVEKYPELRPKLAQYMHIKERDNEEGDELLESLQNMDDDAINAL
IAGASMFIEGKEMWLRRGDRYFVFSKDVWQENVANAGLSYTLASQSKSCFVKRGNICWDVE
;
_entity_poly.pdbx_strand_id   A
#
# COMPACT_ATOMS: atom_id res chain seq x y z
N PRO A 6 -6.39 27.86 22.30
CA PRO A 6 -6.85 27.58 20.93
C PRO A 6 -7.37 26.16 20.76
N SER A 7 -8.30 25.95 19.84
CA SER A 7 -8.91 24.63 19.67
C SER A 7 -7.90 23.62 19.16
N LEU A 8 -8.19 22.33 19.38
CA LEU A 8 -7.28 21.30 18.90
C LEU A 8 -7.05 21.35 17.40
N PRO A 9 -8.08 21.38 16.54
CA PRO A 9 -7.79 21.49 15.11
C PRO A 9 -7.00 22.74 14.75
N GLU A 10 -7.19 23.84 15.49
CA GLU A 10 -6.38 25.03 15.27
C GLU A 10 -4.91 24.81 15.62
N ARG A 11 -4.64 24.15 16.77
CA ARG A 11 -3.26 23.85 17.12
C ARG A 11 -2.60 22.95 16.08
N ILE A 12 -3.36 22.01 15.51
CA ILE A 12 -2.80 21.12 14.49
C ILE A 12 -2.48 21.90 13.23
N ASP A 13 -3.30 22.89 12.89
CA ASP A 13 -2.96 23.79 11.79
C ASP A 13 -1.68 24.55 12.11
N THR A 14 -1.59 25.10 13.32
CA THR A 14 -0.36 25.78 13.72
C THR A 14 0.84 24.88 13.53
N PHE A 15 0.74 23.63 14.02
CA PHE A 15 1.83 22.66 13.91
C PHE A 15 2.35 22.57 12.48
N THR A 16 1.44 22.38 11.50
CA THR A 16 1.91 22.21 10.13
C THR A 16 2.59 23.47 9.60
N GLU A 17 2.27 24.64 10.15
CA GLU A 17 2.85 25.91 9.75
C GLU A 17 4.20 26.19 10.39
N LEU A 18 4.64 25.37 11.33
CA LEU A 18 5.91 25.62 12.02
C LEU A 18 7.11 25.02 11.30
N PHE A 19 6.87 24.26 10.23
CA PHE A 19 7.91 23.62 9.44
C PHE A 19 8.38 24.53 8.31
N ASN A 20 9.68 24.53 8.05
CA ASN A 20 10.20 25.04 6.78
C ASN A 20 10.32 23.85 5.85
N TYR A 21 9.44 23.77 4.86
CA TYR A 21 9.40 22.56 4.07
C TYR A 21 10.67 22.35 3.25
N GLU A 22 11.52 23.38 3.12
CA GLU A 22 12.82 23.17 2.49
C GLU A 22 13.80 22.40 3.37
N VAL A 23 13.57 22.24 4.67
CA VAL A 23 14.48 21.47 5.49
C VAL A 23 14.07 20.02 5.58
N ALA A 24 13.08 19.60 4.77
CA ALA A 24 12.68 18.22 4.83
C ALA A 24 13.87 17.34 4.48
N LEU A 25 13.91 16.16 5.10
CA LEU A 25 14.91 15.17 4.75
C LEU A 25 14.77 14.76 3.29
N LYS A 26 13.54 14.65 2.83
CA LYS A 26 13.23 14.21 1.48
C LYS A 26 11.77 14.51 1.24
N SER A 27 11.37 14.45 -0.02
CA SER A 27 9.95 14.60 -0.34
C SER A 27 9.62 13.78 -1.58
N TYR A 28 8.33 13.54 -1.76
CA TYR A 28 7.86 12.73 -2.87
C TYR A 28 6.65 13.38 -3.50
N ASP A 29 6.63 13.40 -4.84
CA ASP A 29 5.47 13.88 -5.57
C ASP A 29 4.32 12.89 -5.42
N ILE A 30 3.14 13.38 -5.02
CA ILE A 30 2.05 12.47 -4.66
C ILE A 30 1.47 11.80 -5.91
N ARG A 31 1.28 12.57 -6.97
CA ARG A 31 0.78 12.01 -8.22
C ARG A 31 1.65 10.87 -8.72
N ILE A 32 2.98 11.05 -8.65
CA ILE A 32 3.88 10.01 -9.12
C ILE A 32 3.87 8.81 -8.19
N LEU A 33 3.84 9.05 -6.87
CA LEU A 33 3.65 7.95 -5.92
C LEU A 33 2.38 7.17 -6.23
N GLN A 34 1.28 7.86 -6.52
CA GLN A 34 0.03 7.15 -6.74
C GLN A 34 0.07 6.36 -8.03
N SER A 35 0.68 6.91 -9.08
CA SER A 35 0.72 6.17 -10.35
C SER A 35 1.62 4.95 -10.26
N ASN A 36 2.74 5.07 -9.53
CA ASN A 36 3.69 3.97 -9.37
C ASN A 36 3.20 2.91 -8.39
N TYR A 37 2.43 3.29 -7.37
CA TYR A 37 2.01 2.36 -6.32
C TYR A 37 0.51 2.42 -6.12
N PRO A 38 -0.26 1.75 -6.99
CA PRO A 38 -1.70 1.59 -6.74
C PRO A 38 -1.97 1.10 -5.32
N THR A 39 -3.06 1.60 -4.73
CA THR A 39 -3.54 1.18 -3.41
C THR A 39 -3.42 -0.33 -3.18
N LYS A 40 -3.81 -1.12 -4.18
CA LYS A 40 -3.82 -2.56 -3.97
C LYS A 40 -2.42 -3.14 -3.80
N LEU A 41 -1.39 -2.46 -4.29
CA LEU A 41 -0.03 -2.96 -4.13
C LEU A 41 0.61 -2.46 -2.83
N LEU A 42 -0.12 -1.64 -2.06
CA LEU A 42 0.33 -1.14 -0.77
C LEU A 42 -0.44 -1.74 0.39
N SER A 43 -1.70 -2.08 0.18
CA SER A 43 -2.58 -2.42 1.29
C SER A 43 -2.15 -3.74 1.93
N PRO A 44 -2.01 -3.80 3.24
CA PRO A 44 -1.77 -5.08 3.90
C PRO A 44 -2.82 -6.14 3.57
N ASP A 45 -4.07 -5.74 3.32
CA ASP A 45 -5.14 -6.71 3.13
C ASP A 45 -5.02 -7.43 1.80
N SER A 46 -4.30 -6.86 0.84
CA SER A 46 -4.07 -7.51 -0.46
C SER A 46 -3.30 -8.82 -0.30
N LEU A 47 -2.51 -8.97 0.77
CA LEU A 47 -1.79 -10.22 0.98
C LEU A 47 -2.69 -11.34 1.53
N LEU A 48 -3.86 -11.01 2.06
CA LEU A 48 -4.72 -12.04 2.63
C LEU A 48 -5.60 -12.63 1.55
N PRO A 49 -6.17 -13.81 1.78
CA PRO A 49 -7.02 -14.41 0.75
C PRO A 49 -8.22 -13.53 0.45
N GLN A 50 -8.64 -13.55 -0.82
CA GLN A 50 -9.73 -12.72 -1.32
C GLN A 50 -10.91 -13.57 -1.80
N THR A 51 -10.93 -14.84 -1.43
CA THR A 51 -11.90 -15.75 -2.01
C THR A 51 -13.33 -15.39 -1.63
N SER A 52 -13.52 -14.58 -0.58
CA SER A 52 -14.86 -14.23 -0.12
C SER A 52 -15.61 -13.34 -1.09
N ASP A 53 -14.92 -12.62 -1.98
CA ASP A 53 -15.60 -11.76 -2.94
C ASP A 53 -16.18 -12.51 -4.11
N TYR A 54 -16.08 -13.83 -4.14
CA TYR A 54 -16.52 -14.64 -5.27
C TYR A 54 -17.54 -15.69 -4.85
N PRO A 55 -18.36 -16.17 -5.77
CA PRO A 55 -19.19 -17.36 -5.46
C PRO A 55 -18.31 -18.54 -5.07
N LEU A 56 -18.73 -19.26 -4.02
CA LEU A 56 -17.94 -20.39 -3.53
C LEU A 56 -17.74 -21.46 -4.60
N LYS A 57 -18.80 -21.79 -5.36
CA LYS A 57 -18.67 -22.84 -6.36
C LYS A 57 -17.62 -22.47 -7.40
N ASP A 58 -17.59 -21.20 -7.83
CA ASP A 58 -16.57 -20.74 -8.77
C ASP A 58 -15.16 -20.88 -8.21
N ILE A 59 -14.98 -20.50 -6.94
CA ILE A 59 -13.67 -20.66 -6.31
C ILE A 59 -13.25 -22.13 -6.26
N GLN A 60 -14.18 -23.01 -5.87
CA GLN A 60 -13.88 -24.44 -5.88
C GLN A 60 -13.47 -24.90 -7.28
N GLN A 61 -14.20 -24.47 -8.31
CA GLN A 61 -13.83 -24.86 -9.66
C GLN A 61 -12.49 -24.28 -10.07
N LEU A 62 -12.18 -23.05 -9.63
CA LEU A 62 -10.88 -22.44 -9.93
C LEU A 62 -9.75 -23.23 -9.28
N TYR A 63 -9.92 -23.64 -8.02
CA TYR A 63 -8.87 -24.42 -7.40
C TYR A 63 -8.67 -25.73 -8.13
N SER A 64 -9.76 -26.39 -8.54
CA SER A 64 -9.60 -27.63 -9.29
C SER A 64 -8.83 -27.39 -10.59
N LEU A 65 -9.13 -26.29 -11.29
CA LEU A 65 -8.42 -25.97 -12.52
C LEU A 65 -6.95 -25.68 -12.24
N ALA A 66 -6.66 -24.89 -11.21
CA ALA A 66 -5.27 -24.62 -10.88
C ALA A 66 -4.52 -25.90 -10.52
N ASN A 67 -5.19 -26.78 -9.78
CA ASN A 67 -4.53 -27.96 -9.23
C ASN A 67 -4.37 -29.06 -10.26
N THR A 68 -5.24 -29.10 -11.28
CA THR A 68 -5.25 -30.21 -12.22
C THR A 68 -5.16 -29.77 -13.68
N CYS A 69 -5.49 -28.53 -14.00
CA CYS A 69 -5.56 -27.99 -15.36
C CYS A 69 -6.60 -28.71 -16.23
N ARG A 70 -7.61 -29.31 -15.59
CA ARG A 70 -8.79 -29.80 -16.32
C ARG A 70 -10.05 -29.54 -15.50
N GLY A 71 -11.22 -29.82 -16.10
CA GLY A 71 -12.49 -29.85 -15.38
C GLY A 71 -13.48 -28.82 -15.87
N LYS A 72 -14.60 -28.72 -15.16
CA LYS A 72 -15.69 -27.81 -15.53
C LYS A 72 -15.33 -26.35 -15.23
N LEU A 73 -15.67 -25.46 -16.17
CA LEU A 73 -15.21 -24.08 -16.03
C LEU A 73 -16.25 -23.21 -15.33
N PRO A 74 -15.77 -22.38 -14.39
CA PRO A 74 -16.68 -21.55 -13.58
C PRO A 74 -17.50 -20.58 -14.43
N LEU A 75 -18.80 -20.52 -14.14
CA LEU A 75 -19.76 -19.82 -14.97
C LEU A 75 -20.00 -18.38 -14.55
N SER A 76 -19.47 -17.93 -13.44
CA SER A 76 -19.74 -16.56 -13.02
C SER A 76 -18.96 -15.60 -13.89
N PRO A 77 -19.59 -14.54 -14.38
CA PRO A 77 -18.82 -13.44 -14.96
C PRO A 77 -17.91 -12.80 -13.96
N LEU A 78 -18.16 -13.03 -12.66
CA LEU A 78 -17.31 -12.46 -11.63
C LEU A 78 -15.93 -13.09 -11.58
N ILE A 79 -15.68 -14.21 -12.27
CA ILE A 79 -14.40 -14.89 -12.08
C ILE A 79 -13.54 -14.85 -13.35
N THR A 80 -13.84 -13.94 -14.29
CA THR A 80 -13.12 -13.91 -15.57
C THR A 80 -11.62 -13.74 -15.41
N GLU A 81 -11.17 -12.72 -14.67
CA GLU A 81 -9.74 -12.51 -14.59
C GLU A 81 -9.03 -13.67 -13.93
N PRO A 82 -9.45 -14.18 -12.77
CA PRO A 82 -8.75 -15.34 -12.20
C PRO A 82 -8.82 -16.57 -13.10
N LEU A 83 -9.91 -16.76 -13.84
CA LEU A 83 -10.01 -17.88 -14.77
C LEU A 83 -8.99 -17.75 -15.89
N VAL A 84 -8.91 -16.57 -16.50
CA VAL A 84 -7.94 -16.35 -17.58
C VAL A 84 -6.52 -16.56 -17.06
N PHE A 85 -6.22 -16.05 -15.86
CA PHE A 85 -4.90 -16.24 -15.28
C PHE A 85 -4.61 -17.72 -15.08
N THR A 86 -5.56 -18.44 -14.47
CA THR A 86 -5.34 -19.85 -14.14
C THR A 86 -5.17 -20.68 -15.40
N ARG A 87 -5.98 -20.41 -16.41
CA ARG A 87 -5.83 -21.13 -17.68
C ARG A 87 -4.52 -20.77 -18.35
N ALA A 88 -4.08 -19.51 -18.23
CA ALA A 88 -2.80 -19.12 -18.83
C ALA A 88 -1.63 -19.91 -18.27
N ILE A 89 -1.59 -20.06 -16.94
CA ILE A 89 -0.57 -20.90 -16.33
C ILE A 89 -0.64 -22.32 -16.85
N CYS A 90 -1.86 -22.87 -16.91
CA CYS A 90 -2.04 -24.25 -17.38
C CYS A 90 -1.53 -24.44 -18.80
N LYS A 91 -1.82 -23.49 -19.70
CA LYS A 91 -1.55 -23.64 -21.12
C LYS A 91 -0.29 -22.92 -21.59
N GLY A 92 0.46 -22.31 -20.68
CA GLY A 92 1.69 -21.67 -21.12
C GLY A 92 1.49 -20.40 -21.90
N THR A 93 0.30 -19.80 -21.79
CA THR A 93 -0.04 -18.56 -22.47
C THR A 93 0.73 -17.38 -21.88
N GLN A 94 1.20 -16.49 -22.76
CA GLN A 94 1.87 -15.29 -22.30
C GLN A 94 0.85 -14.30 -21.78
N LEU A 95 1.07 -13.78 -20.58
CA LEU A 95 0.36 -12.64 -20.07
C LEU A 95 1.31 -11.45 -20.15
N THR A 96 0.91 -10.41 -20.88
CA THR A 96 1.74 -9.24 -21.11
C THR A 96 1.71 -8.29 -19.92
N PRO A 97 2.69 -7.39 -19.83
CA PRO A 97 2.59 -6.32 -18.83
C PRO A 97 1.27 -5.57 -18.90
N ARG A 98 0.75 -5.29 -20.11
CA ARG A 98 -0.54 -4.59 -20.16
C ARG A 98 -1.65 -5.39 -19.50
N TRP A 99 -1.68 -6.72 -19.70
CA TRP A 99 -2.68 -7.54 -19.02
C TRP A 99 -2.64 -7.31 -17.51
N PHE A 100 -1.46 -7.37 -16.92
CA PHE A 100 -1.40 -7.13 -15.48
C PHE A 100 -1.84 -5.73 -15.13
N SER A 101 -1.41 -4.75 -15.91
CA SER A 101 -1.68 -3.36 -15.59
C SER A 101 -3.16 -3.04 -15.63
N ARG A 102 -3.92 -3.75 -16.48
CA ARG A 102 -5.35 -3.52 -16.62
C ARG A 102 -6.18 -4.41 -15.72
N SER A 103 -5.53 -5.35 -15.05
CA SER A 103 -6.20 -6.30 -14.18
C SER A 103 -6.48 -5.68 -12.81
N GLY A 104 -7.21 -6.44 -12.01
CA GLY A 104 -7.43 -6.12 -10.63
C GLY A 104 -6.24 -6.35 -9.75
N LEU A 105 -5.16 -6.90 -10.31
CA LEU A 105 -3.83 -7.12 -9.70
C LEU A 105 -3.77 -8.25 -8.67
N ILE A 106 -4.84 -8.43 -7.87
CA ILE A 106 -4.82 -9.29 -6.70
C ILE A 106 -5.48 -10.63 -7.04
N HIS A 107 -4.76 -11.73 -6.79
CA HIS A 107 -5.21 -13.09 -7.03
C HIS A 107 -6.15 -13.51 -5.90
N PRO A 108 -7.20 -14.29 -6.18
CA PRO A 108 -8.13 -14.69 -5.11
C PRO A 108 -7.48 -15.34 -3.90
N GLY A 109 -6.35 -16.00 -4.07
CA GLY A 109 -5.64 -16.64 -2.99
C GLY A 109 -4.87 -15.70 -2.09
N GLY A 110 -4.81 -14.42 -2.45
CA GLY A 110 -4.01 -13.41 -1.78
C GLY A 110 -2.71 -13.17 -2.51
N GLY A 111 -2.16 -11.97 -2.35
CA GLY A 111 -0.97 -11.63 -3.13
C GLY A 111 -1.35 -11.35 -4.57
N THR A 112 -0.36 -11.16 -5.44
CA THR A 112 -0.64 -10.69 -6.79
C THR A 112 -0.58 -11.79 -7.86
N TYR A 113 -1.33 -11.54 -8.94
CA TYR A 113 -1.12 -12.28 -10.18
C TYR A 113 0.33 -12.25 -10.62
N ALA A 114 0.95 -11.07 -10.60
CA ALA A 114 2.33 -10.94 -11.06
C ALA A 114 3.28 -11.80 -10.23
N ALA A 115 3.14 -11.83 -8.89
CA ALA A 115 4.06 -12.62 -8.09
C ALA A 115 3.95 -14.10 -8.43
N ARG A 116 2.73 -14.60 -8.62
CA ARG A 116 2.57 -16.01 -8.98
C ARG A 116 3.14 -16.26 -10.37
N TYR A 117 2.95 -15.32 -11.29
CA TYR A 117 3.45 -15.53 -12.64
C TYR A 117 4.96 -15.56 -12.67
N VAL A 118 5.61 -14.72 -11.86
CA VAL A 118 7.07 -14.67 -11.83
C VAL A 118 7.64 -15.85 -11.07
N GLU A 119 6.90 -16.36 -10.09
CA GLU A 119 7.29 -17.63 -9.47
C GLU A 119 7.39 -18.76 -10.52
N LYS A 120 6.44 -18.80 -11.46
CA LYS A 120 6.49 -19.78 -12.54
C LYS A 120 7.58 -19.45 -13.55
N TYR A 121 7.72 -18.16 -13.93
CA TYR A 121 8.67 -17.71 -14.94
C TYR A 121 9.62 -16.68 -14.33
N PRO A 122 10.68 -17.11 -13.64
CA PRO A 122 11.52 -16.17 -12.90
C PRO A 122 12.18 -15.12 -13.79
N GLU A 123 12.39 -15.43 -15.06
CA GLU A 123 13.01 -14.50 -16.00
C GLU A 123 12.22 -13.21 -16.14
N LEU A 124 10.94 -13.25 -15.81
CA LEU A 124 10.09 -12.09 -15.97
C LEU A 124 10.07 -11.18 -14.75
N ARG A 125 10.84 -11.51 -13.70
CA ARG A 125 10.79 -10.70 -12.49
C ARG A 125 11.06 -9.23 -12.75
N PRO A 126 12.08 -8.82 -13.52
CA PRO A 126 12.29 -7.37 -13.72
C PRO A 126 11.14 -6.71 -14.45
N LYS A 127 10.58 -7.39 -15.46
CA LYS A 127 9.53 -6.79 -16.28
C LYS A 127 8.22 -6.63 -15.54
N LEU A 128 7.93 -7.49 -14.55
CA LEU A 128 6.63 -7.51 -13.90
C LEU A 128 6.67 -7.05 -12.44
N ALA A 129 7.84 -6.63 -11.94
CA ALA A 129 7.97 -6.23 -10.52
C ALA A 129 6.97 -5.14 -10.13
N GLN A 130 6.74 -4.17 -11.00
CA GLN A 130 5.84 -3.05 -10.71
C GLN A 130 4.38 -3.44 -10.58
N TYR A 131 4.00 -4.68 -10.92
CA TYR A 131 2.65 -5.20 -10.72
C TYR A 131 2.58 -6.11 -9.50
N MET A 132 3.69 -6.22 -8.76
CA MET A 132 3.72 -7.02 -7.54
C MET A 132 3.48 -6.10 -6.34
N HIS A 133 2.99 -6.70 -5.25
CA HIS A 133 2.82 -5.99 -4.00
C HIS A 133 4.19 -5.61 -3.44
N ILE A 134 4.25 -4.45 -2.77
CA ILE A 134 5.55 -4.05 -2.24
C ILE A 134 6.14 -5.12 -1.33
N LYS A 135 5.29 -5.86 -0.60
CA LYS A 135 5.86 -6.87 0.30
C LYS A 135 6.27 -8.15 -0.42
N GLU A 136 5.94 -8.27 -1.70
CA GLU A 136 6.41 -9.38 -2.52
C GLU A 136 7.73 -9.08 -3.21
N ARG A 137 8.22 -7.86 -3.15
CA ARG A 137 9.41 -7.44 -3.89
C ARG A 137 10.63 -7.46 -2.97
N ASP A 138 11.75 -7.96 -3.50
CA ASP A 138 12.99 -8.06 -2.71
C ASP A 138 13.84 -6.80 -2.79
N ASN A 139 13.40 -5.81 -3.57
CA ASN A 139 14.12 -4.56 -3.82
C ASN A 139 15.54 -4.83 -4.29
N GLU A 140 15.67 -5.74 -5.25
CA GLU A 140 16.97 -5.97 -5.89
C GLU A 140 17.49 -4.69 -6.54
N GLU A 141 16.59 -3.78 -6.93
CA GLU A 141 16.97 -2.53 -7.58
C GLU A 141 17.56 -1.50 -6.64
N GLY A 142 17.50 -1.70 -5.32
CA GLY A 142 17.95 -0.69 -4.37
C GLY A 142 17.28 0.66 -4.57
N ASP A 143 15.95 0.65 -4.64
CA ASP A 143 15.13 1.85 -4.86
C ASP A 143 14.73 2.45 -3.53
N GLU A 144 15.03 3.73 -3.35
CA GLU A 144 14.86 4.36 -2.04
C GLU A 144 13.39 4.47 -1.65
N LEU A 145 12.52 4.94 -2.56
CA LEU A 145 11.09 5.04 -2.22
C LEU A 145 10.49 3.66 -1.97
N LEU A 146 10.79 2.67 -2.82
CA LEU A 146 10.27 1.33 -2.56
C LEU A 146 10.68 0.84 -1.18
N GLU A 147 11.96 0.99 -0.83
CA GLU A 147 12.42 0.53 0.48
C GLU A 147 11.72 1.26 1.61
N SER A 148 11.49 2.56 1.44
CA SER A 148 10.78 3.35 2.45
C SER A 148 9.36 2.83 2.65
N LEU A 149 8.67 2.55 1.55
CA LEU A 149 7.30 2.02 1.63
C LEU A 149 7.29 0.65 2.28
N GLN A 150 8.26 -0.20 1.94
CA GLN A 150 8.30 -1.55 2.51
C GLN A 150 8.50 -1.51 4.02
N ASN A 151 9.16 -0.46 4.53
CA ASN A 151 9.44 -0.42 5.96
C ASN A 151 8.30 0.13 6.80
N MET A 152 7.20 0.55 6.18
CA MET A 152 6.09 1.14 6.93
C MET A 152 5.24 0.07 7.60
N ASP A 153 4.89 0.29 8.87
CA ASP A 153 3.96 -0.64 9.49
C ASP A 153 2.54 -0.40 8.95
N ASP A 154 1.62 -1.28 9.35
CA ASP A 154 0.27 -1.23 8.80
C ASP A 154 -0.38 0.14 8.97
N ASP A 155 -0.29 0.72 10.17
CA ASP A 155 -1.00 1.98 10.38
C ASP A 155 -0.40 3.11 9.54
N ALA A 156 0.92 3.11 9.37
CA ALA A 156 1.57 4.13 8.55
C ALA A 156 1.21 3.95 7.08
N ILE A 157 1.33 2.73 6.55
CA ILE A 157 1.02 2.56 5.13
C ILE A 157 -0.48 2.81 4.88
N ASN A 158 -1.35 2.44 5.82
CA ASN A 158 -2.76 2.76 5.65
C ASN A 158 -3.04 4.26 5.71
N ALA A 159 -2.30 5.02 6.51
CA ALA A 159 -2.43 6.48 6.46
C ALA A 159 -2.02 7.02 5.10
N LEU A 160 -0.92 6.50 4.55
CA LEU A 160 -0.49 6.92 3.22
C LEU A 160 -1.54 6.57 2.17
N ILE A 161 -2.10 5.34 2.22
CA ILE A 161 -3.11 4.92 1.27
C ILE A 161 -4.31 5.85 1.32
N ALA A 162 -4.68 6.31 2.53
CA ALA A 162 -5.80 7.21 2.70
C ALA A 162 -5.50 8.64 2.30
N GLY A 163 -4.26 8.95 1.95
CA GLY A 163 -3.91 10.32 1.63
C GLY A 163 -3.94 11.22 2.84
N ALA A 164 -3.58 10.69 4.02
CA ALA A 164 -3.70 11.46 5.25
C ALA A 164 -2.82 12.71 5.21
N SER A 165 -3.27 13.74 5.94
CA SER A 165 -2.51 14.98 6.00
C SER A 165 -1.15 14.80 6.63
N MET A 166 -1.00 13.76 7.47
CA MET A 166 0.20 13.56 8.25
C MET A 166 0.21 12.15 8.81
N PHE A 167 1.41 11.62 9.07
CA PHE A 167 1.52 10.36 9.81
C PHE A 167 2.96 10.16 10.25
N ILE A 168 3.12 9.38 11.32
CA ILE A 168 4.46 9.04 11.82
C ILE A 168 4.92 7.74 11.22
N GLU A 169 6.17 7.74 10.74
CA GLU A 169 6.80 6.58 10.13
C GLU A 169 8.07 6.31 10.92
N GLY A 170 7.98 5.45 11.92
CA GLY A 170 9.14 5.19 12.75
C GLY A 170 9.47 6.43 13.56
N LYS A 171 10.63 7.04 13.30
CA LYS A 171 11.03 8.27 13.98
C LYS A 171 10.81 9.50 13.12
N GLU A 172 10.28 9.34 11.91
CA GLU A 172 10.10 10.42 10.97
C GLU A 172 8.63 10.76 10.83
N MET A 173 8.34 12.00 10.48
CA MET A 173 6.96 12.40 10.23
C MET A 173 6.79 12.81 8.78
N TRP A 174 5.75 12.26 8.16
CA TRP A 174 5.37 12.63 6.81
C TRP A 174 4.25 13.65 6.91
N LEU A 175 4.39 14.75 6.16
CA LEU A 175 3.42 15.84 6.12
C LEU A 175 3.03 16.08 4.68
N ARG A 176 1.72 16.08 4.41
CA ARG A 176 1.25 16.45 3.09
C ARG A 176 1.23 17.98 2.98
N ARG A 177 1.80 18.50 1.90
CA ARG A 177 1.68 19.92 1.59
C ARG A 177 1.63 20.10 0.08
N GLY A 178 0.50 20.55 -0.43
CA GLY A 178 0.43 20.77 -1.87
C GLY A 178 0.48 19.42 -2.58
N ASP A 179 1.34 19.32 -3.58
CA ASP A 179 1.38 18.08 -4.35
C ASP A 179 2.47 17.10 -3.87
N ARG A 180 3.04 17.31 -2.68
CA ARG A 180 4.10 16.43 -2.17
C ARG A 180 3.88 15.99 -0.73
N TYR A 181 4.47 14.85 -0.38
CA TYR A 181 4.70 14.50 1.01
C TYR A 181 6.12 14.91 1.38
N PHE A 182 6.28 15.59 2.50
CA PHE A 182 7.58 15.97 3.02
C PHE A 182 7.88 15.18 4.28
N VAL A 183 9.12 14.69 4.42
CA VAL A 183 9.54 13.84 5.54
C VAL A 183 10.51 14.63 6.41
N PHE A 184 10.22 14.67 7.72
CA PHE A 184 11.04 15.41 8.68
C PHE A 184 11.60 14.53 9.78
N SER A 185 12.79 14.93 10.25
CA SER A 185 13.43 14.30 11.37
C SER A 185 12.75 14.69 12.68
N LYS A 186 12.88 13.80 13.68
CA LYS A 186 12.22 14.04 14.97
C LYS A 186 12.77 15.27 15.69
N ASP A 187 14.05 15.58 15.48
CA ASP A 187 14.63 16.83 16.00
C ASP A 187 13.75 18.03 15.65
N VAL A 188 13.19 18.02 14.44
CA VAL A 188 12.32 19.09 13.96
C VAL A 188 10.87 18.86 14.39
N TRP A 189 10.30 17.67 14.12
CA TRP A 189 8.86 17.57 14.29
C TRP A 189 8.44 17.51 15.75
N GLN A 190 9.26 16.91 16.63
CA GLN A 190 8.90 16.86 18.05
C GLN A 190 9.01 18.24 18.69
N GLU A 191 9.99 19.04 18.27
CA GLU A 191 10.04 20.42 18.73
C GLU A 191 8.79 21.19 18.29
N ASN A 192 8.30 20.92 17.08
CA ASN A 192 7.14 21.65 16.59
C ASN A 192 5.87 21.19 17.28
N VAL A 193 5.77 19.91 17.66
CA VAL A 193 4.67 19.45 18.52
C VAL A 193 4.60 20.31 19.76
N ALA A 194 5.74 20.44 20.48
CA ALA A 194 5.76 21.21 21.71
C ALA A 194 5.43 22.68 21.46
N ASN A 195 5.98 23.25 20.39
CA ASN A 195 5.73 24.67 20.15
C ASN A 195 4.34 24.95 19.62
N ALA A 196 3.63 23.94 19.14
CA ALA A 196 2.23 24.14 18.80
C ALA A 196 1.30 23.93 19.99
N GLY A 197 1.84 23.56 21.15
CA GLY A 197 1.01 23.30 22.32
C GLY A 197 0.28 21.98 22.26
N LEU A 198 0.89 20.97 21.66
CA LEU A 198 0.29 19.67 21.41
C LEU A 198 1.02 18.58 22.17
N SER A 199 0.35 17.44 22.29
CA SER A 199 0.99 16.16 22.63
C SER A 199 0.40 15.12 21.68
N TYR A 200 1.03 13.95 21.61
CA TYR A 200 0.52 12.94 20.70
C TYR A 200 0.74 11.54 21.26
N THR A 201 -0.07 10.61 20.79
CA THR A 201 0.19 9.17 20.96
C THR A 201 -0.04 8.51 19.60
N LEU A 202 0.70 7.44 19.33
CA LEU A 202 0.42 6.66 18.13
C LEU A 202 -0.93 5.98 18.28
N ALA A 203 -1.64 5.86 17.16
CA ALA A 203 -2.96 5.23 17.22
C ALA A 203 -2.89 3.81 17.82
N SER A 204 -1.85 3.06 17.48
CA SER A 204 -1.72 1.69 17.98
C SER A 204 -1.44 1.65 19.48
N GLN A 205 -1.02 2.79 20.08
CA GLN A 205 -0.75 2.86 21.50
C GLN A 205 -1.86 3.57 22.28
N SER A 206 -2.75 4.29 21.59
CA SER A 206 -3.68 5.17 22.26
C SER A 206 -4.82 4.39 22.90
N LYS A 207 -5.23 4.80 24.10
CA LYS A 207 -6.42 4.26 24.74
C LYS A 207 -7.65 5.11 24.49
N SER A 208 -7.49 6.29 23.90
CA SER A 208 -8.59 7.15 23.49
C SER A 208 -8.04 8.09 22.44
N CYS A 209 -8.60 8.07 21.25
CA CYS A 209 -8.02 8.78 20.10
C CYS A 209 -9.08 9.74 19.59
N PHE A 210 -9.25 10.84 20.31
CA PHE A 210 -10.35 11.76 20.03
C PHE A 210 -10.12 12.57 18.76
N VAL A 211 -8.88 12.95 18.47
CA VAL A 211 -8.59 13.85 17.36
C VAL A 211 -7.48 13.21 16.52
N LYS A 212 -7.88 12.48 15.47
CA LYS A 212 -6.97 11.60 14.75
C LYS A 212 -6.57 12.23 13.42
N ARG A 213 -5.29 12.21 13.12
CA ARG A 213 -4.78 12.52 11.78
C ARG A 213 -3.82 11.40 11.39
N GLY A 214 -4.12 10.70 10.29
CA GLY A 214 -3.26 9.58 9.96
C GLY A 214 -3.25 8.59 11.09
N ASN A 215 -2.04 8.22 11.56
CA ASN A 215 -1.87 7.33 12.71
C ASN A 215 -1.52 8.10 13.99
N ILE A 216 -1.81 9.40 14.03
CA ILE A 216 -1.46 10.27 15.14
C ILE A 216 -2.72 10.60 15.92
N CYS A 217 -2.69 10.38 17.23
CA CYS A 217 -3.78 10.80 18.11
C CYS A 217 -3.33 12.07 18.84
N TRP A 218 -3.93 13.20 18.47
CA TRP A 218 -3.50 14.49 18.99
C TRP A 218 -4.28 14.86 20.25
N ASP A 219 -3.60 15.56 21.15
CA ASP A 219 -4.24 16.17 22.31
C ASP A 219 -3.49 17.46 22.63
N VAL A 220 -4.02 18.22 23.59
CA VAL A 220 -3.28 19.39 24.06
C VAL A 220 -2.04 18.93 24.83
N GLU A 221 -1.03 19.81 24.86
CA GLU A 221 0.21 19.55 25.60
C GLU A 221 -0.08 19.29 27.09
#